data_6YUQ
#
_entry.id   6YUQ
#
_cell.length_a   137.483
_cell.length_b   137.483
_cell.length_c   70.253
_cell.angle_alpha   90.000
_cell.angle_beta   90.000
_cell.angle_gamma   90.000
#
_symmetry.space_group_name_H-M   'P 41 21 2'
#
loop_
_entity.id
_entity.type
_entity.pdbx_description
1 polymer SacC
2 non-polymer 1,2-ETHANEDIOL
3 non-polymer DI(HYDROXYETHYL)ETHER
4 non-polymer 'CHLORIDE ION'
5 non-polymer 2-acetamido-2-deoxy-6-O-phosphono-alpha-D-mannopyranose
6 non-polymer 2-acetamido-2-deoxy-alpha-D-mannopyranose
7 non-polymer 'TRIETHYLENE GLYCOL'
8 water water
#
_entity_poly.entity_id   1
_entity_poly.type   'polypeptide(L)'
_entity_poly.pdbx_seq_one_letter_code
;MLSNLKTGNNILGLPEFELNGCRFLYKKGIEKTIITFSAFPPKDIAQKYNYIKDFLSSNYTFLAFLDTKYPEDDARGTYY
ITNELDNGYLQTIHCIIQLLSNTNQEDTYLLGSSKGGVGALLLGLTYNYPNIIINAPQAKLADYIKTRSKTILSYMLGTS
KRFQDINYDYINDFLLSKIKTCDSSLKWNIHITCGKDDSYHLNELEILKNEFNIKAITIKTKLISGGHDNEAIAHYREYF
KTIIQNILEHHHHHH
;
_entity_poly.pdbx_strand_id   A,B
#
# COMPACT_ATOMS: atom_id res chain seq x y z
N MET A 1 12.68 -3.62 -8.20
CA MET A 1 13.18 -4.73 -7.41
C MET A 1 13.74 -4.20 -6.10
N LEU A 2 13.82 -5.09 -5.09
CA LEU A 2 14.23 -4.67 -3.75
C LEU A 2 15.61 -4.03 -3.75
N SER A 3 16.53 -4.56 -4.56
CA SER A 3 17.86 -3.98 -4.63
C SER A 3 17.82 -2.54 -5.12
N ASN A 4 16.87 -2.21 -6.00
CA ASN A 4 16.76 -0.83 -6.49
C ASN A 4 16.08 0.10 -5.49
N LEU A 5 15.55 -0.40 -4.38
CA LEU A 5 14.96 0.45 -3.37
C LEU A 5 15.98 0.94 -2.34
N LYS A 6 17.25 0.60 -2.51
CA LYS A 6 18.29 1.02 -1.57
C LYS A 6 18.45 2.53 -1.60
N THR A 7 18.42 3.16 -0.41
CA THR A 7 18.68 4.59 -0.29
C THR A 7 20.16 4.93 -0.31
N GLY A 8 21.04 3.93 -0.26
CA GLY A 8 22.46 4.20 -0.14
C GLY A 8 22.93 4.52 1.25
N ASN A 9 22.12 4.20 2.28
CA ASN A 9 22.48 4.37 3.67
C ASN A 9 22.63 3.00 4.32
N ASN A 10 23.57 2.87 5.25
CA ASN A 10 23.81 1.61 5.93
C ASN A 10 23.88 1.85 7.42
N ILE A 11 23.04 1.15 8.17
CA ILE A 11 22.95 1.28 9.62
C ILE A 11 23.48 -0.02 10.22
N LEU A 12 24.66 0.04 10.83
CA LEU A 12 25.28 -1.11 11.49
C LEU A 12 25.38 -2.30 10.53
N GLY A 13 25.83 -2.01 9.31
CA GLY A 13 25.96 -3.04 8.30
C GLY A 13 24.67 -3.50 7.65
N LEU A 14 23.56 -2.80 7.89
CA LEU A 14 22.29 -3.16 7.28
C LEU A 14 21.88 -2.13 6.24
N PRO A 15 21.58 -2.54 5.01
CA PRO A 15 21.22 -1.56 3.97
C PRO A 15 19.84 -0.99 4.23
N GLU A 16 19.68 0.29 3.92
CA GLU A 16 18.40 0.96 4.09
C GLU A 16 17.64 0.97 2.78
N PHE A 17 16.35 0.66 2.85
CA PHE A 17 15.48 0.68 1.68
C PHE A 17 14.40 1.72 1.89
N GLU A 18 13.80 2.17 0.79
CA GLU A 18 12.67 3.08 0.86
C GLU A 18 11.67 2.71 -0.23
N LEU A 19 10.41 2.53 0.16
CA LEU A 19 9.33 2.22 -0.77
C LEU A 19 8.14 3.09 -0.40
N ASN A 20 7.71 3.93 -1.35
CA ASN A 20 6.54 4.78 -1.14
C ASN A 20 6.70 5.66 0.10
N GLY A 21 7.88 6.23 0.27
CA GLY A 21 8.15 7.10 1.39
C GLY A 21 8.38 6.40 2.71
N CYS A 22 8.41 5.07 2.71
CA CYS A 22 8.57 4.26 3.92
C CYS A 22 9.98 3.70 3.94
N ARG A 23 10.81 4.20 4.86
CA ARG A 23 12.19 3.77 5.01
C ARG A 23 12.25 2.57 5.95
N PHE A 24 13.04 1.56 5.58
CA PHE A 24 13.13 0.37 6.41
C PHE A 24 14.46 -0.35 6.19
N LEU A 25 14.84 -1.11 7.21
CA LEU A 25 15.95 -2.04 7.19
C LEU A 25 15.38 -3.45 7.09
N TYR A 26 16.10 -4.32 6.41
CA TYR A 26 15.65 -5.68 6.18
C TYR A 26 16.84 -6.62 6.26
N LYS A 27 16.72 -7.66 7.07
CA LYS A 27 17.73 -8.70 7.19
C LYS A 27 17.03 -10.05 7.17
N LYS A 28 17.37 -10.89 6.19
CA LYS A 28 16.70 -12.17 6.06
C LYS A 28 17.28 -13.17 7.05
N GLY A 29 16.41 -13.77 7.86
CA GLY A 29 16.80 -14.76 8.83
C GLY A 29 15.92 -16.00 8.74
N ILE A 30 15.71 -16.63 9.90
CA ILE A 30 14.97 -17.88 10.01
C ILE A 30 14.09 -17.85 11.26
N GLU A 31 13.16 -18.80 11.31
CA GLU A 31 12.36 -19.12 12.50
C GLU A 31 11.33 -18.06 12.87
N LYS A 32 11.75 -16.81 13.00
CA LYS A 32 10.84 -15.75 13.45
C LYS A 32 11.10 -14.47 12.67
N THR A 33 10.09 -13.61 12.64
CA THR A 33 10.17 -12.30 12.02
C THR A 33 9.98 -11.24 13.10
N ILE A 34 10.99 -10.38 13.28
CA ILE A 34 10.94 -9.30 14.27
C ILE A 34 10.71 -7.99 13.53
N ILE A 35 9.71 -7.23 13.99
CA ILE A 35 9.36 -5.93 13.41
C ILE A 35 9.51 -4.86 14.49
N THR A 36 10.29 -3.82 14.21
CA THR A 36 10.45 -2.72 15.15
C THR A 36 10.01 -1.40 14.53
N PHE A 37 9.57 -0.48 15.40
CA PHE A 37 9.05 0.83 15.03
C PHE A 37 9.80 1.93 15.78
N SER A 38 10.09 3.02 15.07
CA SER A 38 10.86 4.12 15.64
C SER A 38 9.97 5.01 16.50
N ALA A 39 10.57 5.58 17.54
CA ALA A 39 9.91 6.55 18.41
C ALA A 39 10.32 7.98 18.03
N PHE A 40 9.72 8.96 18.70
CA PHE A 40 10.09 10.37 18.50
C PHE A 40 11.50 10.60 19.00
N PRO A 41 12.46 10.96 18.15
CA PRO A 41 13.79 11.32 18.63
C PRO A 41 13.77 12.74 19.15
N PRO A 42 14.82 13.18 19.87
CA PRO A 42 14.90 14.59 20.28
C PRO A 42 14.95 15.49 19.06
N LYS A 43 14.60 16.76 19.28
CA LYS A 43 14.54 17.71 18.18
C LYS A 43 15.91 17.84 17.52
N ASP A 44 15.92 17.96 16.19
CA ASP A 44 17.12 18.06 15.36
C ASP A 44 17.94 16.77 15.37
N ILE A 45 17.38 15.67 15.86
CA ILE A 45 18.02 14.36 15.82
C ILE A 45 17.24 13.48 14.82
N ALA A 46 17.96 12.79 13.95
CA ALA A 46 17.30 11.97 12.94
C ALA A 46 16.58 10.79 13.57
N GLN A 47 15.49 10.37 12.93
CA GLN A 47 14.76 9.18 13.35
C GLN A 47 15.67 7.97 13.35
N LYS A 48 15.52 7.12 14.37
CA LYS A 48 16.43 6.02 14.62
C LYS A 48 15.71 4.67 14.50
N TYR A 49 16.38 3.70 13.89
CA TYR A 49 15.89 2.34 13.90
C TYR A 49 16.11 1.72 15.27
N ASN A 50 15.17 0.91 15.71
CA ASN A 50 15.12 0.45 17.09
C ASN A 50 15.53 -1.02 17.20
N TYR A 51 16.34 -1.30 18.22
CA TYR A 51 16.67 -2.66 18.69
C TYR A 51 17.44 -3.47 17.66
N ILE A 52 18.25 -2.80 16.84
CA ILE A 52 19.12 -3.49 15.89
C ILE A 52 20.07 -4.44 16.62
N LYS A 53 20.73 -3.93 17.67
CA LYS A 53 21.75 -4.74 18.32
C LYS A 53 21.18 -5.94 19.06
N ASP A 54 19.88 -5.94 19.41
CA ASP A 54 19.31 -7.11 20.07
C ASP A 54 19.15 -8.31 19.15
N PHE A 55 19.00 -8.08 17.86
CA PHE A 55 18.68 -9.16 16.94
C PHE A 55 19.70 -9.32 15.82
N LEU A 56 20.80 -8.58 15.83
CA LEU A 56 21.78 -8.70 14.76
C LEU A 56 22.49 -10.06 14.82
N SER A 57 22.76 -10.56 16.02
CA SER A 57 23.36 -11.87 16.19
C SER A 57 22.33 -13.00 16.28
N SER A 58 21.04 -12.67 16.23
CA SER A 58 20.00 -13.66 16.48
C SER A 58 19.73 -14.55 15.27
N ASN A 59 19.99 -14.04 14.07
CA ASN A 59 19.64 -14.68 12.80
C ASN A 59 18.13 -14.83 12.59
N TYR A 60 17.31 -14.12 13.38
CA TYR A 60 15.91 -13.99 13.02
C TYR A 60 15.79 -13.08 11.80
N THR A 61 14.67 -13.20 11.10
CA THR A 61 14.32 -12.19 10.11
C THR A 61 13.98 -10.90 10.83
N PHE A 62 14.54 -9.79 10.36
CA PHE A 62 14.47 -8.52 11.06
C PHE A 62 14.07 -7.43 10.09
N LEU A 63 13.03 -6.68 10.45
CA LEU A 63 12.60 -5.49 9.73
C LEU A 63 12.44 -4.36 10.72
N ALA A 64 13.08 -3.22 10.44
CA ALA A 64 12.97 -2.03 11.27
C ALA A 64 12.42 -0.88 10.43
N PHE A 65 11.38 -0.21 10.92
CA PHE A 65 10.70 0.85 10.19
C PHE A 65 10.86 2.20 10.86
N LEU A 66 10.95 3.25 10.04
CA LEU A 66 10.86 4.64 10.49
C LEU A 66 9.46 5.18 10.23
N ASP A 67 9.16 6.31 10.88
CA ASP A 67 7.96 7.09 10.67
C ASP A 67 8.07 7.88 9.35
N THR A 68 7.04 8.66 9.02
CA THR A 68 7.04 9.41 7.78
C THR A 68 8.11 10.50 7.79
N LYS A 69 8.35 11.09 6.62
CA LYS A 69 9.37 12.12 6.41
C LYS A 69 8.84 13.55 6.61
N TYR A 70 7.63 13.70 7.13
CA TYR A 70 7.00 15.01 7.25
C TYR A 70 6.79 15.38 8.71
N PRO A 71 6.59 16.67 9.02
CA PRO A 71 6.74 17.88 8.21
C PRO A 71 8.20 18.11 7.90
N GLU A 72 8.53 18.82 6.82
CA GLU A 72 9.92 18.94 6.40
C GLU A 72 10.77 19.73 7.40
N ASP A 73 10.19 20.65 8.17
CA ASP A 73 10.99 21.44 9.10
C ASP A 73 11.12 20.81 10.47
N ASP A 74 10.48 19.65 10.70
CA ASP A 74 10.65 18.87 11.92
C ASP A 74 10.31 17.43 11.57
N ALA A 75 11.21 16.81 10.80
CA ALA A 75 10.92 15.55 10.13
C ALA A 75 11.00 14.33 11.04
N ARG A 76 10.34 14.39 12.19
CA ARG A 76 10.36 13.27 13.12
C ARG A 76 9.15 12.38 13.02
N GLY A 77 8.29 12.57 12.02
CA GLY A 77 7.23 11.64 11.73
C GLY A 77 5.86 12.14 12.19
N THR A 78 4.81 11.49 11.67
CA THR A 78 3.44 11.88 11.98
C THR A 78 2.65 10.72 12.57
N TYR A 79 3.29 9.99 13.50
CA TYR A 79 2.68 8.89 14.24
C TYR A 79 2.19 7.79 13.28
N TYR A 80 2.89 7.61 12.17
CA TYR A 80 2.56 6.59 11.17
C TYR A 80 1.20 6.84 10.50
N ILE A 81 0.71 8.06 10.59
CA ILE A 81 -0.53 8.51 9.98
C ILE A 81 -0.18 9.40 8.80
N THR A 82 -0.92 9.26 7.70
CA THR A 82 -0.54 10.00 6.50
C THR A 82 -0.93 11.47 6.64
N ASN A 83 -0.49 12.27 5.65
CA ASN A 83 -0.94 13.65 5.55
C ASN A 83 -2.46 13.75 5.44
N GLU A 84 -3.10 12.70 4.93
CA GLU A 84 -4.56 12.69 4.81
C GLU A 84 -5.24 12.09 6.03
N LEU A 85 -4.47 11.81 7.09
CA LEU A 85 -4.97 11.21 8.33
C LEU A 85 -5.64 9.87 8.06
N ASP A 86 -5.01 9.03 7.24
CA ASP A 86 -5.59 7.71 6.96
C ASP A 86 -4.53 6.62 7.10
N ASN A 87 -4.83 5.41 6.62
CA ASN A 87 -3.98 4.24 6.84
C ASN A 87 -2.95 4.00 5.73
N GLY A 88 -2.75 4.97 4.83
CA GLY A 88 -1.89 4.73 3.68
C GLY A 88 -0.47 4.31 4.04
N TYR A 89 0.08 4.88 5.12
CA TYR A 89 1.43 4.50 5.52
C TYR A 89 1.46 3.11 6.16
N LEU A 90 0.49 2.84 7.05
CA LEU A 90 0.31 1.49 7.59
C LEU A 90 0.16 0.46 6.49
N GLN A 91 -0.57 0.82 5.43
CA GLN A 91 -0.79 -0.12 4.33
C GLN A 91 0.53 -0.51 3.67
N THR A 92 1.41 0.47 3.45
CA THR A 92 2.71 0.20 2.85
C THR A 92 3.55 -0.70 3.75
N ILE A 93 3.54 -0.44 5.06
CA ILE A 93 4.29 -1.28 6.00
C ILE A 93 3.79 -2.71 5.96
N HIS A 94 2.46 -2.89 5.92
CA HIS A 94 1.86 -4.22 5.84
C HIS A 94 2.33 -4.96 4.57
N CYS A 95 2.29 -4.30 3.42
CA CYS A 95 2.73 -4.96 2.19
C CYS A 95 4.19 -5.41 2.28
N ILE A 96 5.05 -4.55 2.84
CA ILE A 96 6.47 -4.90 2.96
C ILE A 96 6.65 -6.15 3.80
N ILE A 97 6.01 -6.20 4.96
CA ILE A 97 6.13 -7.35 5.86
C ILE A 97 5.57 -8.61 5.21
N GLN A 98 4.39 -8.51 4.62
CA GLN A 98 3.74 -9.71 4.10
C GLN A 98 4.54 -10.33 2.96
N LEU A 99 5.25 -9.52 2.18
CA LEU A 99 5.97 -10.07 1.04
C LEU A 99 7.41 -10.44 1.35
N LEU A 100 8.06 -9.71 2.25
CA LEU A 100 9.44 -9.99 2.60
C LEU A 100 9.59 -11.00 3.72
N SER A 101 8.60 -11.17 4.60
CA SER A 101 8.75 -12.11 5.70
C SER A 101 8.69 -13.56 5.20
N ASN A 102 9.40 -14.44 5.91
CA ASN A 102 9.44 -15.86 5.58
C ASN A 102 8.94 -16.72 6.73
N THR A 103 8.03 -16.17 7.54
CA THR A 103 7.43 -16.88 8.67
C THR A 103 5.95 -16.52 8.73
N ASN A 104 5.18 -17.36 9.43
CA ASN A 104 3.76 -17.14 9.63
C ASN A 104 3.51 -15.90 10.50
N GLN A 105 2.24 -15.47 10.53
CA GLN A 105 1.85 -14.34 11.36
C GLN A 105 2.08 -14.62 12.83
N GLU A 106 1.77 -15.85 13.27
CA GLU A 106 1.95 -16.24 14.67
C GLU A 106 3.41 -16.23 15.10
N ASP A 107 4.35 -16.22 14.14
CA ASP A 107 5.78 -16.18 14.44
C ASP A 107 6.39 -14.81 14.14
N THR A 108 5.55 -13.80 14.02
CA THR A 108 5.94 -12.42 13.79
C THR A 108 5.66 -11.63 15.06
N TYR A 109 6.59 -10.72 15.41
CA TYR A 109 6.51 -9.97 16.67
C TYR A 109 6.72 -8.49 16.39
N LEU A 110 5.78 -7.65 16.84
CA LEU A 110 5.85 -6.20 16.66
C LEU A 110 6.39 -5.57 17.95
N LEU A 111 7.46 -4.79 17.84
CA LEU A 111 8.16 -4.19 18.98
C LEU A 111 8.24 -2.68 18.82
N GLY A 112 8.25 -1.99 19.96
CA GLY A 112 8.37 -0.54 19.93
C GLY A 112 8.07 0.08 21.28
N SER A 113 8.57 1.28 21.53
CA SER A 113 8.33 1.98 22.78
C SER A 113 7.81 3.38 22.47
N SER A 114 6.89 3.87 23.30
CA SER A 114 6.32 5.23 23.16
C SER A 114 5.65 5.32 21.79
N LYS A 115 6.02 6.27 20.93
CA LYS A 115 5.41 6.37 19.61
C LYS A 115 5.62 5.07 18.82
N GLY A 116 6.76 4.43 19.01
CA GLY A 116 6.99 3.15 18.36
C GLY A 116 6.01 2.08 18.82
N GLY A 117 5.65 2.11 20.10
CA GLY A 117 4.62 1.20 20.58
C GLY A 117 3.28 1.47 19.93
N VAL A 118 2.95 2.74 19.72
CA VAL A 118 1.68 3.09 19.08
C VAL A 118 1.67 2.61 17.64
N GLY A 119 2.79 2.78 16.92
CA GLY A 119 2.83 2.28 15.55
C GLY A 119 2.60 0.79 15.46
N ALA A 120 3.21 0.04 16.38
CA ALA A 120 2.98 -1.41 16.47
C ALA A 120 1.50 -1.73 16.70
N LEU A 121 0.87 -1.06 17.66
CA LEU A 121 -0.57 -1.25 17.87
C LEU A 121 -1.37 -0.89 16.63
N LEU A 122 -1.08 0.26 16.01
CA LEU A 122 -1.85 0.66 14.83
C LEU A 122 -1.77 -0.39 13.75
N LEU A 123 -0.57 -0.86 13.45
CA LEU A 123 -0.40 -1.90 12.43
C LEU A 123 -1.06 -3.21 12.88
N GLY A 124 -0.79 -3.61 14.12
CA GLY A 124 -1.27 -4.91 14.59
C GLY A 124 -2.78 -5.00 14.63
N LEU A 125 -3.44 -3.95 15.12
CA LEU A 125 -4.89 -3.96 15.24
C LEU A 125 -5.58 -3.79 13.89
N THR A 126 -4.94 -3.13 12.93
CA THR A 126 -5.55 -2.95 11.61
C THR A 126 -5.45 -4.21 10.77
N TYR A 127 -4.33 -4.93 10.86
CA TYR A 127 -4.04 -6.02 9.94
C TYR A 127 -3.85 -7.37 10.62
N ASN A 128 -4.21 -7.48 11.90
CA ASN A 128 -4.31 -8.79 12.58
C ASN A 128 -2.94 -9.44 12.79
N TYR A 129 -1.98 -8.67 13.32
CA TYR A 129 -0.74 -9.24 13.82
C TYR A 129 -0.94 -9.53 15.31
N PRO A 130 -0.96 -10.81 15.73
CA PRO A 130 -1.37 -11.10 17.12
C PRO A 130 -0.34 -10.76 18.18
N ASN A 131 0.97 -10.82 17.87
CA ASN A 131 2.03 -10.68 18.86
C ASN A 131 2.52 -9.23 18.87
N ILE A 132 2.18 -8.49 19.92
CA ILE A 132 2.54 -7.09 20.09
C ILE A 132 3.11 -6.92 21.50
N ILE A 133 4.39 -6.62 21.60
CA ILE A 133 5.12 -6.50 22.88
C ILE A 133 5.78 -5.13 22.85
N ILE A 134 5.23 -4.18 23.60
CA ILE A 134 5.57 -2.77 23.47
C ILE A 134 5.72 -2.18 24.87
N ASN A 135 6.28 -0.97 24.92
CA ASN A 135 6.47 -0.26 26.17
C ASN A 135 5.86 1.13 26.08
N ALA A 136 5.20 1.54 27.16
CA ALA A 136 4.66 2.88 27.39
C ALA A 136 4.08 3.58 26.15
N PRO A 137 3.11 2.99 25.48
CA PRO A 137 2.43 3.70 24.39
C PRO A 137 1.49 4.78 24.92
N GLN A 138 1.25 5.78 24.08
CA GLN A 138 0.26 6.80 24.37
C GLN A 138 -1.13 6.31 24.02
N ALA A 139 -2.13 6.92 24.64
CA ALA A 139 -3.53 6.69 24.29
C ALA A 139 -4.12 7.86 23.54
N LYS A 140 -3.97 9.09 24.05
CA LYS A 140 -4.45 10.29 23.38
C LYS A 140 -3.29 10.86 22.58
N LEU A 141 -3.30 10.61 21.27
CA LEU A 141 -2.12 10.87 20.46
C LEU A 141 -1.85 12.36 20.32
N ALA A 142 -2.90 13.16 20.09
CA ALA A 142 -2.71 14.60 19.89
C ALA A 142 -2.20 15.28 21.16
N ASP A 143 -2.74 14.89 22.33
CA ASP A 143 -2.26 15.45 23.58
C ASP A 143 -0.75 15.26 23.72
N TYR A 144 -0.23 14.10 23.33
CA TYR A 144 1.18 13.83 23.50
C TYR A 144 2.04 14.57 22.47
N ILE A 145 1.60 14.61 21.20
CA ILE A 145 2.36 15.36 20.20
C ILE A 145 2.47 16.81 20.61
N LYS A 146 1.41 17.35 21.24
CA LYS A 146 1.45 18.73 21.72
C LYS A 146 2.61 18.95 22.66
N THR A 147 2.92 17.96 23.49
CA THR A 147 4.01 18.09 24.46
C THR A 147 5.38 17.80 23.88
N ARG A 148 5.47 17.44 22.59
CA ARG A 148 6.74 17.07 21.97
C ARG A 148 7.16 18.00 20.84
N SER A 149 6.22 18.48 20.01
CA SER A 149 6.56 19.39 18.92
C SER A 149 5.29 20.08 18.46
N LYS A 150 5.22 21.39 18.65
CA LYS A 150 4.10 22.15 18.11
C LYS A 150 4.12 22.16 16.59
N THR A 151 5.32 22.08 15.99
CA THR A 151 5.42 22.06 14.54
C THR A 151 4.70 20.86 13.95
N ILE A 152 4.97 19.66 14.49
CA ILE A 152 4.31 18.47 13.95
C ILE A 152 2.81 18.51 14.20
N LEU A 153 2.41 18.94 15.40
CA LEU A 153 0.97 18.98 15.72
C LEU A 153 0.23 19.94 14.81
N SER A 154 0.73 21.16 14.66
CA SER A 154 0.06 22.12 13.79
C SER A 154 0.02 21.61 12.36
N TYR A 155 1.06 20.89 11.94
CA TYR A 155 1.09 20.29 10.62
C TYR A 155 -0.06 19.30 10.42
N MET A 156 -0.23 18.37 11.37
CA MET A 156 -1.28 17.38 11.22
C MET A 156 -2.66 17.99 11.37
N LEU A 157 -2.79 19.06 12.16
CA LEU A 157 -4.09 19.71 12.31
C LEU A 157 -4.53 20.37 11.00
N GLY A 158 -3.59 20.89 10.23
CA GLY A 158 -3.89 21.55 8.97
C GLY A 158 -4.06 23.05 9.15
N THR A 159 -4.17 23.73 7.99
CA THR A 159 -4.18 25.19 7.94
C THR A 159 -5.55 25.79 8.27
N SER A 160 -6.63 25.08 7.93
CA SER A 160 -7.96 25.67 8.05
C SER A 160 -8.36 25.77 9.51
N LYS A 161 -8.54 27.00 10.01
CA LYS A 161 -8.82 27.19 11.43
C LYS A 161 -10.11 26.50 11.85
N ARG A 162 -11.09 26.42 10.95
CA ARG A 162 -12.41 25.88 11.29
C ARG A 162 -12.38 24.39 11.59
N PHE A 163 -11.33 23.67 11.20
CA PHE A 163 -11.26 22.23 11.39
C PHE A 163 -10.17 21.82 12.38
N GLN A 164 -9.59 22.77 13.11
CA GLN A 164 -8.49 22.42 14.01
C GLN A 164 -9.00 21.55 15.16
N ASP A 165 -10.13 21.93 15.78
CA ASP A 165 -10.63 21.13 16.90
C ASP A 165 -11.09 19.76 16.43
N ILE A 166 -11.70 19.69 15.25
CA ILE A 166 -12.16 18.41 14.71
C ILE A 166 -10.97 17.49 14.44
N ASN A 167 -9.94 18.02 13.78
CA ASN A 167 -8.77 17.19 13.50
C ASN A 167 -8.03 16.81 14.77
N TYR A 168 -8.00 17.71 15.77
CA TYR A 168 -7.39 17.35 17.04
C TYR A 168 -8.04 16.11 17.62
N ASP A 169 -9.38 16.12 17.72
CA ASP A 169 -10.10 14.98 18.28
C ASP A 169 -9.89 13.73 17.43
N TYR A 170 -9.83 13.88 16.11
CA TYR A 170 -9.63 12.74 15.22
C TYR A 170 -8.27 12.08 15.43
N ILE A 171 -7.22 12.89 15.51
CA ILE A 171 -5.89 12.34 15.78
C ILE A 171 -5.83 11.77 17.19
N ASN A 172 -6.40 12.48 18.17
CA ASN A 172 -6.36 12.05 19.55
C ASN A 172 -6.96 10.66 19.74
N ASP A 173 -7.97 10.33 18.93
CA ASP A 173 -8.68 9.07 19.11
C ASP A 173 -8.33 8.04 18.04
N PHE A 174 -7.30 8.31 17.24
CA PHE A 174 -6.99 7.45 16.11
C PHE A 174 -6.69 6.02 16.57
N LEU A 175 -5.92 5.85 17.64
CA LEU A 175 -5.62 4.52 18.16
C LEU A 175 -6.81 3.90 18.88
N LEU A 176 -7.49 4.68 19.73
CA LEU A 176 -8.67 4.15 20.42
C LEU A 176 -9.70 3.65 19.41
N SER A 177 -9.83 4.34 18.27
CA SER A 177 -10.75 3.88 17.23
C SER A 177 -10.33 2.53 16.66
N LYS A 178 -9.03 2.35 16.45
CA LYS A 178 -8.55 1.06 15.97
C LYS A 178 -8.87 -0.05 16.95
N ILE A 179 -8.79 0.24 18.26
CA ILE A 179 -9.18 -0.78 19.24
C ILE A 179 -10.67 -1.08 19.14
N LYS A 180 -11.49 -0.02 19.03
CA LYS A 180 -12.94 -0.20 18.96
C LYS A 180 -13.37 -1.00 17.73
N THR A 181 -12.57 -0.99 16.66
CA THR A 181 -12.97 -1.65 15.43
C THR A 181 -12.16 -2.90 15.12
N CYS A 182 -11.38 -3.41 16.08
CA CYS A 182 -10.53 -4.55 15.76
C CYS A 182 -11.32 -5.85 15.90
N ASP A 183 -10.66 -6.95 15.53
CA ASP A 183 -11.30 -8.27 15.53
C ASP A 183 -11.13 -8.89 16.92
N SER A 184 -12.21 -8.94 17.69
CA SER A 184 -12.10 -9.46 19.05
C SER A 184 -12.03 -10.98 19.08
N SER A 185 -12.25 -11.66 17.95
CA SER A 185 -12.12 -13.10 17.92
C SER A 185 -10.69 -13.57 17.69
N LEU A 186 -9.77 -12.68 17.33
CA LEU A 186 -8.39 -13.07 17.14
C LEU A 186 -7.76 -13.44 18.48
N LYS A 187 -6.83 -14.39 18.45
CA LYS A 187 -6.09 -14.81 19.64
C LYS A 187 -4.96 -13.82 19.93
N TRP A 188 -5.34 -12.63 20.39
CA TRP A 188 -4.37 -11.57 20.58
C TRP A 188 -3.36 -11.95 21.66
N ASN A 189 -2.10 -11.55 21.45
CA ASN A 189 -1.00 -11.80 22.37
C ASN A 189 -0.28 -10.46 22.61
N ILE A 190 -0.95 -9.55 23.31
CA ILE A 190 -0.48 -8.17 23.48
C ILE A 190 0.15 -8.05 24.86
N HIS A 191 1.40 -7.60 24.89
CA HIS A 191 2.13 -7.34 26.13
C HIS A 191 2.51 -5.87 26.17
N ILE A 192 2.18 -5.19 27.25
CA ILE A 192 2.53 -3.77 27.39
C ILE A 192 3.24 -3.58 28.74
N THR A 193 4.51 -3.19 28.68
CA THR A 193 5.26 -2.78 29.85
C THR A 193 5.19 -1.27 30.01
N CYS A 194 5.51 -0.81 31.21
CA CYS A 194 5.58 0.63 31.47
C CYS A 194 6.43 0.87 32.72
N GLY A 195 7.36 1.80 32.60
CA GLY A 195 8.15 2.19 33.76
C GLY A 195 7.25 2.59 34.92
N LYS A 196 7.61 2.11 36.12
CA LYS A 196 6.78 2.33 37.29
C LYS A 196 6.78 3.79 37.75
N ASP A 197 7.76 4.59 37.33
CA ASP A 197 7.76 6.02 37.61
C ASP A 197 7.28 6.85 36.43
N ASP A 198 6.64 6.21 35.45
CA ASP A 198 6.12 6.88 34.25
C ASP A 198 4.61 7.09 34.42
N SER A 199 4.29 7.97 35.38
CA SER A 199 2.90 8.16 35.79
C SER A 199 2.03 8.56 34.60
N TYR A 200 2.55 9.40 33.70
CA TYR A 200 1.76 9.82 32.55
C TYR A 200 1.31 8.61 31.73
N HIS A 201 2.26 7.78 31.31
CA HIS A 201 1.89 6.65 30.47
C HIS A 201 1.28 5.50 31.28
N LEU A 202 1.41 5.53 32.61
CA LEU A 202 0.62 4.60 33.42
C LEU A 202 -0.86 4.94 33.31
N ASN A 203 -1.20 6.22 33.28
CA ASN A 203 -2.58 6.59 33.06
C ASN A 203 -3.01 6.28 31.62
N GLU A 204 -2.14 6.53 30.65
CA GLU A 204 -2.46 6.17 29.26
C GLU A 204 -2.73 4.69 29.11
N LEU A 205 -1.95 3.84 29.80
CA LEU A 205 -2.15 2.41 29.72
C LEU A 205 -3.53 2.01 30.24
N GLU A 206 -4.00 2.67 31.30
CA GLU A 206 -5.35 2.37 31.78
C GLU A 206 -6.41 2.79 30.78
N ILE A 207 -6.19 3.90 30.07
CA ILE A 207 -7.15 4.30 29.02
C ILE A 207 -7.19 3.23 27.93
N LEU A 208 -6.01 2.76 27.49
CA LEU A 208 -5.96 1.68 26.52
C LEU A 208 -6.60 0.40 27.07
N LYS A 209 -6.31 0.09 28.34
CA LYS A 209 -6.84 -1.14 28.93
C LYS A 209 -8.37 -1.14 28.95
N ASN A 210 -8.97 0.01 29.23
CA ASN A 210 -10.43 0.07 29.24
C ASN A 210 -11.02 -0.22 27.86
N GLU A 211 -10.36 0.24 26.80
CA GLU A 211 -10.87 -0.02 25.45
C GLU A 211 -10.74 -1.50 25.10
N PHE A 212 -9.60 -2.10 25.41
CA PHE A 212 -9.45 -3.53 25.19
C PHE A 212 -10.48 -4.32 25.99
N ASN A 213 -10.69 -3.90 27.25
CA ASN A 213 -11.58 -4.61 28.15
C ASN A 213 -12.98 -4.76 27.55
N ILE A 214 -13.53 -3.66 27.05
CA ILE A 214 -14.88 -3.71 26.52
C ILE A 214 -14.95 -4.44 25.17
N LYS A 215 -13.81 -4.61 24.49
CA LYS A 215 -13.75 -5.48 23.31
C LYS A 215 -13.46 -6.94 23.67
N ALA A 216 -13.47 -7.28 24.97
CA ALA A 216 -13.21 -8.64 25.45
C ALA A 216 -11.80 -9.10 25.08
N ILE A 217 -10.85 -8.18 25.07
CA ILE A 217 -9.45 -8.48 24.79
C ILE A 217 -8.67 -8.34 26.10
N THR A 218 -8.10 -9.45 26.58
CA THR A 218 -7.27 -9.44 27.78
C THR A 218 -5.81 -9.32 27.35
N ILE A 219 -5.14 -8.26 27.81
CA ILE A 219 -3.74 -8.06 27.51
C ILE A 219 -2.91 -8.33 28.77
N LYS A 220 -1.62 -8.57 28.58
CA LYS A 220 -0.69 -8.74 29.69
C LYS A 220 0.06 -7.44 29.91
N THR A 221 0.20 -7.03 31.17
CA THR A 221 0.92 -5.82 31.52
C THR A 221 1.96 -6.14 32.59
N LYS A 222 3.07 -5.39 32.57
CA LYS A 222 4.12 -5.56 33.57
C LYS A 222 4.72 -4.20 33.90
N LEU A 223 4.81 -3.89 35.19
CA LEU A 223 5.49 -2.68 35.62
C LEU A 223 6.99 -2.96 35.70
N ILE A 224 7.78 -2.08 35.09
CA ILE A 224 9.23 -2.21 35.15
C ILE A 224 9.81 -0.95 35.80
N SER A 225 11.08 -1.04 36.17
CA SER A 225 11.74 0.08 36.82
C SER A 225 12.09 1.15 35.82
N GLY A 226 12.00 2.40 36.25
CA GLY A 226 12.31 3.56 35.42
C GLY A 226 11.07 4.41 35.16
N GLY A 227 11.31 5.52 34.48
CA GLY A 227 10.25 6.37 33.98
C GLY A 227 10.08 6.19 32.48
N HIS A 228 9.87 7.30 31.75
CA HIS A 228 9.88 7.31 30.29
C HIS A 228 11.29 7.63 29.79
N ASP A 229 12.20 6.69 30.05
CA ASP A 229 13.63 6.96 29.89
C ASP A 229 14.34 5.68 29.44
N ASN A 230 15.68 5.74 29.42
CA ASN A 230 16.49 4.61 28.99
C ASN A 230 16.49 3.44 29.96
N GLU A 231 16.21 3.69 31.24
CA GLU A 231 16.12 2.61 32.21
C GLU A 231 14.93 1.70 31.91
N ALA A 232 13.75 2.29 31.68
CA ALA A 232 12.61 1.47 31.30
C ALA A 232 12.88 0.73 29.99
N ILE A 233 13.49 1.40 29.02
CA ILE A 233 13.80 0.75 27.74
C ILE A 233 14.70 -0.45 27.97
N ALA A 234 15.69 -0.32 28.85
CA ALA A 234 16.60 -1.41 29.13
C ALA A 234 15.86 -2.63 29.66
N HIS A 235 14.92 -2.43 30.59
CA HIS A 235 14.15 -3.55 31.13
C HIS A 235 13.11 -4.03 30.13
N TYR A 236 12.62 -3.14 29.27
CA TYR A 236 11.71 -3.57 28.22
C TYR A 236 12.42 -4.48 27.23
N ARG A 237 13.66 -4.15 26.89
CA ARG A 237 14.48 -5.02 26.05
C ARG A 237 14.65 -6.40 26.67
N GLU A 238 14.93 -6.45 27.98
CA GLU A 238 15.02 -7.73 28.65
C GLU A 238 13.69 -8.47 28.60
N TYR A 239 12.59 -7.73 28.64
CA TYR A 239 11.27 -8.36 28.64
C TYR A 239 10.96 -9.01 27.29
N PHE A 240 11.14 -8.27 26.19
CA PHE A 240 10.74 -8.87 24.91
C PHE A 240 11.70 -9.98 24.50
N LYS A 241 12.98 -9.90 24.88
CA LYS A 241 13.89 -11.00 24.59
C LYS A 241 13.44 -12.26 25.32
N THR A 242 12.95 -12.12 26.55
CA THR A 242 12.50 -13.27 27.31
C THR A 242 11.34 -13.97 26.63
N ILE A 243 10.25 -13.24 26.40
CA ILE A 243 9.05 -13.89 25.93
C ILE A 243 9.22 -14.40 24.50
N ILE A 244 10.03 -13.71 23.68
CA ILE A 244 10.31 -14.19 22.33
C ILE A 244 10.99 -15.55 22.38
N GLN A 245 11.86 -15.77 23.35
CA GLN A 245 12.55 -17.05 23.53
C GLN A 245 11.99 -17.82 24.72
N MET B 1 3.90 -13.53 4.69
CA MET B 1 4.61 -14.49 3.86
C MET B 1 3.76 -14.74 2.63
N LEU B 2 4.40 -14.69 1.44
CA LEU B 2 3.67 -14.76 0.19
C LEU B 2 2.73 -15.97 0.16
N SER B 3 3.25 -17.15 0.53
CA SER B 3 2.46 -18.36 0.41
C SER B 3 1.22 -18.34 1.30
N ASN B 4 1.27 -17.56 2.39
CA ASN B 4 0.08 -17.42 3.24
C ASN B 4 -0.95 -16.46 2.68
N LEU B 5 -0.64 -15.76 1.59
CA LEU B 5 -1.62 -14.92 0.92
C LEU B 5 -2.46 -15.67 -0.10
N LYS B 6 -2.33 -16.99 -0.19
CA LYS B 6 -3.03 -17.72 -1.24
C LYS B 6 -4.53 -17.74 -0.97
N THR B 7 -5.32 -17.63 -2.04
CA THR B 7 -6.78 -17.70 -1.92
C THR B 7 -7.32 -19.11 -2.04
N GLY B 8 -6.52 -20.05 -2.53
CA GLY B 8 -7.01 -21.36 -2.87
C GLY B 8 -7.38 -21.52 -4.33
N ASN B 9 -7.60 -20.43 -5.05
CA ASN B 9 -7.87 -20.53 -6.48
C ASN B 9 -6.59 -20.83 -7.24
N ASN B 10 -6.74 -21.48 -8.39
CA ASN B 10 -5.60 -21.83 -9.22
C ASN B 10 -5.98 -21.63 -10.68
N ILE B 11 -5.21 -20.83 -11.39
CA ILE B 11 -5.51 -20.46 -12.77
C ILE B 11 -4.40 -20.99 -13.66
N LEU B 12 -4.71 -22.03 -14.43
CA LEU B 12 -3.77 -22.64 -15.39
C LEU B 12 -2.48 -23.09 -14.69
N GLY B 13 -2.62 -23.57 -13.45
CA GLY B 13 -1.50 -24.02 -12.67
C GLY B 13 -0.88 -22.96 -11.77
N LEU B 14 -1.18 -21.68 -11.99
CA LEU B 14 -0.61 -20.61 -11.18
C LEU B 14 -1.48 -20.35 -9.96
N PRO B 15 -0.94 -20.37 -8.74
CA PRO B 15 -1.79 -20.12 -7.56
C PRO B 15 -2.13 -18.65 -7.42
N GLU B 16 -3.37 -18.37 -7.02
CA GLU B 16 -3.82 -16.99 -6.83
C GLU B 16 -3.47 -16.52 -5.43
N PHE B 17 -2.97 -15.29 -5.34
CA PHE B 17 -2.66 -14.60 -4.09
C PHE B 17 -3.60 -13.41 -3.92
N GLU B 18 -3.73 -12.96 -2.67
CA GLU B 18 -4.46 -11.73 -2.39
C GLU B 18 -3.80 -10.98 -1.25
N LEU B 19 -3.57 -9.69 -1.46
CA LEU B 19 -2.96 -8.82 -0.46
C LEU B 19 -3.72 -7.51 -0.42
N ASN B 20 -4.31 -7.18 0.73
CA ASN B 20 -5.08 -5.95 0.87
C ASN B 20 -6.16 -5.84 -0.19
N GLY B 21 -6.89 -6.94 -0.40
CA GLY B 21 -7.97 -6.96 -1.37
C GLY B 21 -7.54 -6.97 -2.82
N CYS B 22 -6.24 -7.07 -3.09
CA CYS B 22 -5.70 -7.07 -4.46
C CYS B 22 -5.31 -8.50 -4.83
N ARG B 23 -6.00 -9.06 -5.82
CA ARG B 23 -5.76 -10.44 -6.25
C ARG B 23 -4.75 -10.48 -7.38
N PHE B 24 -3.78 -11.39 -7.31
CA PHE B 24 -2.76 -11.44 -8.35
C PHE B 24 -2.21 -12.85 -8.52
N LEU B 25 -1.67 -13.08 -9.71
CA LEU B 25 -0.86 -14.25 -10.02
C LEU B 25 0.60 -13.84 -10.15
N TYR B 26 1.51 -14.75 -9.81
CA TYR B 26 2.93 -14.46 -9.83
C TYR B 26 3.72 -15.68 -10.24
N LYS B 27 4.57 -15.51 -11.24
CA LYS B 27 5.56 -16.52 -11.62
C LYS B 27 6.90 -15.84 -11.75
N LYS B 28 7.87 -16.27 -10.95
CA LYS B 28 9.19 -15.68 -10.97
C LYS B 28 9.98 -16.17 -12.19
N GLY B 29 10.59 -15.23 -12.90
CA GLY B 29 11.37 -15.58 -14.07
C GLY B 29 12.68 -14.82 -14.16
N ILE B 30 13.13 -14.52 -15.38
CA ILE B 30 14.38 -13.80 -15.59
C ILE B 30 14.19 -12.77 -16.70
N GLU B 31 15.15 -11.84 -16.78
CA GLU B 31 15.34 -10.89 -17.87
C GLU B 31 14.30 -9.78 -17.92
N LYS B 32 13.01 -10.13 -17.92
CA LYS B 32 11.95 -9.14 -18.06
C LYS B 32 10.83 -9.44 -17.08
N THR B 33 10.07 -8.41 -16.73
CA THR B 33 8.91 -8.51 -15.87
C THR B 33 7.69 -8.05 -16.64
N ILE B 34 6.70 -8.92 -16.78
CA ILE B 34 5.47 -8.63 -17.52
C ILE B 34 4.33 -8.45 -16.52
N ILE B 35 3.64 -7.32 -16.62
CA ILE B 35 2.49 -7.00 -15.78
C ILE B 35 1.25 -6.91 -16.67
N THR B 36 0.19 -7.63 -16.31
CA THR B 36 -1.06 -7.54 -17.04
C THR B 36 -2.19 -7.13 -16.10
N PHE B 37 -3.17 -6.44 -16.67
CA PHE B 37 -4.31 -5.90 -15.94
C PHE B 37 -5.60 -6.48 -16.50
N SER B 38 -6.55 -6.73 -15.62
CA SER B 38 -7.83 -7.30 -16.00
C SER B 38 -8.77 -6.25 -16.58
N ALA B 39 -9.55 -6.64 -17.58
CA ALA B 39 -10.60 -5.83 -18.15
C ALA B 39 -11.96 -6.30 -17.63
N PHE B 40 -13.01 -5.57 -18.00
CA PHE B 40 -14.37 -5.94 -17.59
C PHE B 40 -14.75 -7.30 -18.18
N PRO B 41 -15.13 -8.28 -17.36
CA PRO B 41 -15.72 -9.50 -17.90
C PRO B 41 -17.20 -9.31 -18.17
N PRO B 42 -17.87 -10.28 -18.78
CA PRO B 42 -19.33 -10.19 -18.92
C PRO B 42 -20.00 -10.23 -17.55
N LYS B 43 -21.22 -9.71 -17.49
CA LYS B 43 -21.96 -9.71 -16.23
C LYS B 43 -22.12 -11.13 -15.70
N ASP B 44 -21.86 -11.30 -14.39
CA ASP B 44 -21.92 -12.56 -13.66
C ASP B 44 -20.82 -13.55 -14.04
N ILE B 45 -19.81 -13.09 -14.77
CA ILE B 45 -18.62 -13.90 -15.07
C ILE B 45 -17.47 -13.37 -14.23
N ALA B 46 -16.67 -14.28 -13.67
CA ALA B 46 -15.60 -13.88 -12.78
C ALA B 46 -14.55 -13.05 -13.54
N GLN B 47 -13.97 -12.09 -12.84
CA GLN B 47 -12.84 -11.34 -13.40
C GLN B 47 -11.72 -12.29 -13.80
N LYS B 48 -11.12 -12.04 -14.95
CA LYS B 48 -10.13 -12.95 -15.55
C LYS B 48 -8.75 -12.31 -15.60
N TYR B 49 -7.73 -13.15 -15.41
CA TYR B 49 -6.36 -12.72 -15.61
C TYR B 49 -6.04 -12.74 -17.11
N ASN B 50 -5.29 -11.73 -17.56
CA ASN B 50 -5.07 -11.53 -18.98
C ASN B 50 -3.70 -12.02 -19.44
N TYR B 51 -3.64 -12.52 -20.68
CA TYR B 51 -2.35 -12.89 -21.33
C TYR B 51 -1.51 -13.91 -20.56
N ILE B 52 -2.16 -14.83 -19.83
CA ILE B 52 -1.39 -15.90 -19.20
C ILE B 52 -0.71 -16.77 -20.26
N LYS B 53 -1.47 -17.21 -21.26
CA LYS B 53 -0.91 -18.14 -22.29
C LYS B 53 0.31 -17.53 -23.00
N ASP B 54 0.26 -16.22 -23.31
CA ASP B 54 1.36 -15.59 -24.11
C ASP B 54 2.69 -15.61 -23.35
N PHE B 55 2.67 -15.77 -22.04
CA PHE B 55 3.88 -15.68 -21.24
C PHE B 55 4.07 -16.85 -20.29
N LEU B 56 3.13 -17.78 -20.22
CA LEU B 56 3.35 -18.94 -19.33
C LEU B 56 4.47 -19.82 -19.85
N SER B 57 4.62 -19.96 -21.16
CA SER B 57 5.75 -20.71 -21.69
C SER B 57 7.03 -19.88 -21.76
N SER B 58 6.96 -18.58 -21.44
CA SER B 58 8.13 -17.74 -21.48
C SER B 58 8.92 -17.87 -20.17
N ASN B 59 10.17 -17.39 -20.20
CA ASN B 59 11.01 -17.38 -19.01
C ASN B 59 11.00 -16.05 -18.29
N TYR B 60 10.09 -15.14 -18.64
CA TYR B 60 10.04 -13.86 -17.97
C TYR B 60 9.31 -13.96 -16.63
N THR B 61 9.57 -13.00 -15.76
CA THR B 61 8.77 -12.84 -14.55
C THR B 61 7.39 -12.33 -14.94
N PHE B 62 6.36 -12.87 -14.28
CA PHE B 62 4.98 -12.62 -14.68
C PHE B 62 4.13 -12.27 -13.47
N LEU B 63 3.43 -11.13 -13.56
CA LEU B 63 2.44 -10.71 -12.56
C LEU B 63 1.17 -10.32 -13.28
N ALA B 64 0.05 -10.93 -12.89
CA ALA B 64 -1.25 -10.61 -13.45
C ALA B 64 -2.18 -10.15 -12.33
N PHE B 65 -2.85 -9.02 -12.54
CA PHE B 65 -3.67 -8.39 -11.52
C PHE B 65 -5.13 -8.31 -11.97
N LEU B 66 -6.03 -8.49 -11.00
CA LEU B 66 -7.44 -8.19 -11.15
C LEU B 66 -7.76 -6.83 -10.55
N ASP B 67 -8.97 -6.35 -10.85
CA ASP B 67 -9.57 -5.15 -10.29
C ASP B 67 -10.12 -5.43 -8.89
N THR B 68 -10.71 -4.41 -8.26
CA THR B 68 -11.24 -4.52 -6.90
C THR B 68 -12.40 -5.52 -6.82
N LYS B 69 -12.72 -5.91 -5.58
CA LYS B 69 -13.74 -6.93 -5.31
C LYS B 69 -15.10 -6.35 -5.00
N TYR B 70 -15.29 -5.04 -5.11
CA TYR B 70 -16.57 -4.43 -4.83
C TYR B 70 -17.11 -3.74 -6.08
N PRO B 71 -18.43 -3.51 -6.16
CA PRO B 71 -19.46 -3.87 -5.19
C PRO B 71 -19.81 -5.36 -5.25
N GLU B 72 -20.32 -5.90 -4.15
CA GLU B 72 -20.65 -7.33 -4.11
C GLU B 72 -21.75 -7.71 -5.10
N ASP B 73 -22.66 -6.79 -5.42
CA ASP B 73 -23.75 -7.10 -6.37
C ASP B 73 -23.25 -7.27 -7.79
N ASP B 74 -22.10 -6.67 -8.14
CA ASP B 74 -21.56 -6.77 -9.48
C ASP B 74 -20.07 -6.54 -9.39
N ALA B 75 -19.34 -7.55 -8.90
CA ALA B 75 -17.95 -7.37 -8.47
C ALA B 75 -16.98 -7.47 -9.66
N ARG B 76 -17.23 -6.63 -10.67
CA ARG B 76 -16.40 -6.62 -11.86
C ARG B 76 -15.34 -5.52 -11.84
N GLY B 77 -15.18 -4.83 -10.72
CA GLY B 77 -14.08 -3.90 -10.52
C GLY B 77 -14.51 -2.45 -10.65
N THR B 78 -13.72 -1.55 -10.06
CA THR B 78 -14.01 -0.13 -10.03
C THR B 78 -12.93 0.69 -10.73
N TYR B 79 -12.39 0.16 -11.83
CA TYR B 79 -11.33 0.81 -12.61
C TYR B 79 -10.07 1.08 -11.78
N TYR B 80 -9.74 0.16 -10.87
CA TYR B 80 -8.53 0.23 -10.06
C TYR B 80 -8.52 1.46 -9.16
N ILE B 81 -9.70 1.98 -8.87
CA ILE B 81 -9.91 3.13 -8.00
C ILE B 81 -10.59 2.63 -6.73
N THR B 82 -10.18 3.15 -5.57
CA THR B 82 -10.72 2.61 -4.32
C THR B 82 -12.13 3.14 -4.05
N ASN B 83 -12.75 2.52 -3.04
CA ASN B 83 -13.99 3.05 -2.45
C ASN B 83 -13.89 4.54 -2.17
N GLU B 84 -12.74 4.98 -1.67
CA GLU B 84 -12.54 6.37 -1.33
C GLU B 84 -12.12 7.21 -2.53
N LEU B 85 -12.16 6.63 -3.73
CA LEU B 85 -11.81 7.33 -4.97
C LEU B 85 -10.39 7.87 -4.90
N ASP B 86 -9.47 7.03 -4.41
CA ASP B 86 -8.06 7.43 -4.31
C ASP B 86 -7.13 6.34 -4.83
N ASN B 87 -5.84 6.51 -4.59
CA ASN B 87 -4.78 5.68 -5.18
C ASN B 87 -4.45 4.44 -4.35
N GLY B 88 -5.24 4.13 -3.32
CA GLY B 88 -4.89 3.04 -2.42
C GLY B 88 -4.68 1.70 -3.11
N TYR B 89 -5.48 1.39 -4.13
CA TYR B 89 -5.33 0.11 -4.83
C TYR B 89 -4.08 0.09 -5.69
N LEU B 90 -3.85 1.17 -6.43
CA LEU B 90 -2.63 1.27 -7.24
C LEU B 90 -1.39 1.23 -6.37
N GLN B 91 -1.47 1.78 -5.16
CA GLN B 91 -0.33 1.74 -4.25
C GLN B 91 -0.02 0.29 -3.86
N THR B 92 -1.06 -0.51 -3.59
CA THR B 92 -0.84 -1.92 -3.28
C THR B 92 -0.21 -2.64 -4.47
N ILE B 93 -0.74 -2.42 -5.68
CA ILE B 93 -0.16 -3.06 -6.86
C ILE B 93 1.29 -2.66 -7.03
N HIS B 94 1.61 -1.38 -6.81
CA HIS B 94 2.99 -0.90 -6.89
C HIS B 94 3.91 -1.64 -5.91
N CYS B 95 3.45 -1.85 -4.67
CA CYS B 95 4.29 -2.50 -3.67
C CYS B 95 4.54 -3.96 -4.01
N ILE B 96 3.50 -4.63 -4.50
CA ILE B 96 3.62 -6.02 -4.94
C ILE B 96 4.67 -6.14 -6.04
N ILE B 97 4.57 -5.27 -7.06
CA ILE B 97 5.54 -5.30 -8.16
C ILE B 97 6.94 -5.02 -7.64
N GLN B 98 7.10 -3.99 -6.79
CA GLN B 98 8.44 -3.57 -6.39
C GLN B 98 9.15 -4.61 -5.55
N LEU B 99 8.41 -5.39 -4.76
CA LEU B 99 9.02 -6.34 -3.86
C LEU B 99 9.13 -7.74 -4.44
N LEU B 100 8.31 -8.09 -5.44
CA LEU B 100 8.36 -9.41 -6.04
C LEU B 100 9.09 -9.43 -7.37
N SER B 101 9.21 -8.29 -8.05
CA SER B 101 9.90 -8.26 -9.33
C SER B 101 11.41 -8.26 -9.12
N ASN B 102 12.13 -8.87 -10.05
CA ASN B 102 13.58 -8.96 -9.99
C ASN B 102 14.25 -8.30 -11.19
N THR B 103 13.66 -7.22 -11.71
CA THR B 103 14.21 -6.48 -12.83
C THR B 103 14.04 -4.98 -12.57
N ASN B 104 14.76 -4.17 -13.35
CA ASN B 104 14.56 -2.73 -13.32
C ASN B 104 13.21 -2.35 -13.91
N GLN B 105 12.79 -1.12 -13.62
CA GLN B 105 11.55 -0.59 -14.21
C GLN B 105 11.67 -0.47 -15.72
N GLU B 106 12.88 -0.22 -16.22
CA GLU B 106 13.09 -0.11 -17.67
C GLU B 106 12.84 -1.46 -18.35
N ASP B 107 12.99 -2.55 -17.62
CA ASP B 107 12.73 -3.90 -18.14
C ASP B 107 11.38 -4.43 -17.68
N THR B 108 10.44 -3.54 -17.34
CA THR B 108 9.10 -3.92 -16.92
C THR B 108 8.09 -3.42 -17.93
N TYR B 109 7.11 -4.27 -18.26
CA TYR B 109 6.18 -3.96 -19.35
C TYR B 109 4.75 -4.10 -18.84
N LEU B 110 3.97 -3.03 -18.99
CA LEU B 110 2.59 -3.00 -18.53
C LEU B 110 1.67 -3.23 -19.73
N LEU B 111 0.81 -4.24 -19.63
CA LEU B 111 -0.06 -4.68 -20.72
C LEU B 111 -1.51 -4.67 -20.27
N GLY B 112 -2.42 -4.50 -21.23
CA GLY B 112 -3.82 -4.45 -20.91
C GLY B 112 -4.68 -3.88 -22.03
N SER B 113 -5.95 -4.26 -22.07
CA SER B 113 -6.86 -3.78 -23.09
C SER B 113 -8.11 -3.22 -22.43
N SER B 114 -8.61 -2.11 -22.97
CA SER B 114 -9.86 -1.48 -22.51
C SER B 114 -9.67 -1.05 -21.06
N LYS B 115 -10.48 -1.52 -20.11
CA LYS B 115 -10.26 -1.14 -18.71
C LYS B 115 -8.88 -1.55 -18.25
N GLY B 116 -8.38 -2.69 -18.74
CA GLY B 116 -7.05 -3.13 -18.38
C GLY B 116 -5.98 -2.16 -18.86
N GLY B 117 -6.18 -1.57 -20.04
CA GLY B 117 -5.25 -0.56 -20.51
C GLY B 117 -5.28 0.71 -19.68
N VAL B 118 -6.46 1.06 -19.16
CA VAL B 118 -6.54 2.21 -18.26
C VAL B 118 -5.78 1.92 -16.97
N GLY B 119 -5.99 0.74 -16.39
CA GLY B 119 -5.27 0.37 -15.19
C GLY B 119 -3.77 0.41 -15.38
N ALA B 120 -3.30 0.03 -16.56
CA ALA B 120 -1.87 0.11 -16.86
C ALA B 120 -1.41 1.57 -16.90
N LEU B 121 -2.17 2.42 -17.58
CA LEU B 121 -1.85 3.85 -17.62
C LEU B 121 -1.90 4.47 -16.23
N LEU B 122 -2.94 4.16 -15.45
CA LEU B 122 -3.06 4.73 -14.11
C LEU B 122 -1.83 4.39 -13.27
N LEU B 123 -1.41 3.12 -13.29
CA LEU B 123 -0.26 2.71 -12.52
C LEU B 123 1.03 3.32 -13.06
N GLY B 124 1.20 3.29 -14.39
CA GLY B 124 2.46 3.70 -14.97
C GLY B 124 2.70 5.20 -14.85
N LEU B 125 1.64 6.00 -14.96
CA LEU B 125 1.80 7.44 -14.83
C LEU B 125 1.99 7.85 -13.38
N THR B 126 1.38 7.12 -12.43
CA THR B 126 1.54 7.48 -11.03
C THR B 126 2.93 7.13 -10.51
N TYR B 127 3.49 6.00 -10.95
CA TYR B 127 4.72 5.50 -10.34
C TYR B 127 5.88 5.35 -11.32
N ASN B 128 5.76 5.94 -12.52
CA ASN B 128 6.86 6.03 -13.47
C ASN B 128 7.33 4.66 -13.95
N TYR B 129 6.37 3.83 -14.37
CA TYR B 129 6.69 2.62 -15.12
C TYR B 129 6.67 3.01 -16.59
N PRO B 130 7.82 3.05 -17.27
CA PRO B 130 7.88 3.72 -18.58
C PRO B 130 7.26 2.94 -19.74
N ASN B 131 7.24 1.61 -19.67
CA ASN B 131 6.84 0.76 -20.80
C ASN B 131 5.37 0.39 -20.64
N ILE B 132 4.51 1.03 -21.41
CA ILE B 132 3.07 0.82 -21.34
C ILE B 132 2.57 0.51 -22.75
N ILE B 133 2.18 -0.75 -22.99
CA ILE B 133 1.74 -1.24 -24.29
C ILE B 133 0.31 -1.74 -24.13
N ILE B 134 -0.66 -0.96 -24.61
CA ILE B 134 -2.06 -1.19 -24.29
C ILE B 134 -2.89 -1.06 -25.56
N ASN B 135 -4.15 -1.49 -25.46
CA ASN B 135 -5.08 -1.41 -26.58
C ASN B 135 -6.36 -0.74 -26.14
N ALA B 136 -6.83 0.22 -26.94
CA ALA B 136 -8.16 0.82 -26.81
C ALA B 136 -8.57 1.23 -25.40
N PRO B 137 -7.75 2.04 -24.71
CA PRO B 137 -8.17 2.56 -23.40
C PRO B 137 -9.25 3.63 -23.54
N GLN B 138 -10.02 3.78 -22.47
CA GLN B 138 -10.97 4.89 -22.40
C GLN B 138 -10.28 6.17 -21.93
N ALA B 139 -10.92 7.30 -22.23
CA ALA B 139 -10.52 8.58 -21.69
C ALA B 139 -11.48 9.07 -20.62
N LYS B 140 -12.79 8.98 -20.90
CA LYS B 140 -13.85 9.39 -19.98
C LYS B 140 -14.35 8.11 -19.30
N LEU B 141 -13.77 7.81 -18.13
CA LEU B 141 -13.99 6.52 -17.48
C LEU B 141 -15.43 6.37 -17.01
N ALA B 142 -15.99 7.44 -16.44
CA ALA B 142 -17.35 7.35 -15.91
C ALA B 142 -18.37 7.13 -17.03
N ASP B 143 -18.18 7.80 -18.18
CA ASP B 143 -19.06 7.56 -19.32
C ASP B 143 -19.09 6.08 -19.69
N TYR B 144 -17.92 5.44 -19.69
CA TYR B 144 -17.84 4.03 -20.08
C TYR B 144 -18.45 3.11 -19.04
N ILE B 145 -18.12 3.31 -17.75
CA ILE B 145 -18.70 2.49 -16.69
C ILE B 145 -20.22 2.51 -16.77
N LYS B 146 -20.79 3.68 -17.04
CA LYS B 146 -22.24 3.82 -17.17
C LYS B 146 -22.80 2.86 -18.22
N THR B 147 -22.08 2.67 -19.34
CA THR B 147 -22.57 1.77 -20.38
C THR B 147 -22.43 0.31 -19.98
N ARG B 148 -21.44 -0.03 -19.16
CA ARG B 148 -21.19 -1.43 -18.86
C ARG B 148 -21.96 -1.92 -17.62
N SER B 149 -22.21 -1.07 -16.63
CA SER B 149 -22.89 -1.51 -15.42
C SER B 149 -23.42 -0.31 -14.65
N LYS B 150 -24.74 -0.17 -14.58
CA LYS B 150 -25.33 0.84 -13.72
C LYS B 150 -25.05 0.56 -12.24
N THR B 151 -24.92 -0.71 -11.87
CA THR B 151 -24.70 -1.05 -10.46
C THR B 151 -23.35 -0.57 -9.97
N ILE B 152 -22.30 -0.77 -10.78
CA ILE B 152 -20.97 -0.30 -10.38
C ILE B 152 -20.94 1.21 -10.33
N LEU B 153 -21.45 1.87 -11.36
CA LEU B 153 -21.44 3.33 -11.40
C LEU B 153 -22.15 3.90 -10.17
N SER B 154 -23.35 3.40 -9.88
CA SER B 154 -24.10 3.90 -8.73
C SER B 154 -23.33 3.67 -7.44
N TYR B 155 -22.62 2.55 -7.33
CA TYR B 155 -21.81 2.30 -6.14
C TYR B 155 -20.68 3.33 -6.01
N MET B 156 -20.02 3.65 -7.13
CA MET B 156 -18.89 4.55 -7.07
C MET B 156 -19.32 6.00 -6.84
N LEU B 157 -20.54 6.36 -7.26
CA LEU B 157 -21.00 7.73 -7.09
C LEU B 157 -21.39 8.04 -5.65
N GLY B 158 -21.74 7.02 -4.86
CA GLY B 158 -22.00 7.21 -3.45
C GLY B 158 -23.47 7.49 -3.14
N THR B 159 -23.78 7.39 -1.84
CA THR B 159 -25.16 7.51 -1.38
C THR B 159 -25.67 8.96 -1.41
N SER B 160 -24.77 9.93 -1.20
CA SER B 160 -25.20 11.32 -1.09
C SER B 160 -25.58 11.85 -2.47
N LYS B 161 -26.86 12.24 -2.63
CA LYS B 161 -27.34 12.71 -3.92
C LYS B 161 -26.63 13.99 -4.35
N ARG B 162 -26.17 14.80 -3.41
CA ARG B 162 -25.51 16.05 -3.76
C ARG B 162 -24.13 15.82 -4.37
N PHE B 163 -23.42 14.78 -3.95
CA PHE B 163 -22.06 14.55 -4.45
C PHE B 163 -22.01 13.57 -5.61
N GLN B 164 -23.17 13.09 -6.09
CA GLN B 164 -23.16 12.12 -7.19
C GLN B 164 -22.62 12.76 -8.47
N ASP B 165 -23.11 13.95 -8.81
CA ASP B 165 -22.58 14.68 -9.95
C ASP B 165 -21.10 14.98 -9.78
N ILE B 166 -20.69 15.38 -8.58
CA ILE B 166 -19.30 15.72 -8.33
C ILE B 166 -18.41 14.50 -8.50
N ASN B 167 -18.80 13.38 -7.89
CA ASN B 167 -17.99 12.17 -7.99
C ASN B 167 -17.94 11.65 -9.42
N TYR B 168 -19.05 11.79 -10.16
CA TYR B 168 -19.07 11.35 -11.56
C TYR B 168 -17.99 12.07 -12.37
N ASP B 169 -17.94 13.39 -12.27
CA ASP B 169 -16.94 14.15 -13.00
C ASP B 169 -15.53 13.77 -12.54
N TYR B 170 -15.34 13.61 -11.23
CA TYR B 170 -14.03 13.23 -10.70
C TYR B 170 -13.55 11.92 -11.30
N ILE B 171 -14.41 10.89 -11.27
CA ILE B 171 -14.08 9.61 -11.89
C ILE B 171 -13.83 9.79 -13.38
N ASN B 172 -14.70 10.56 -14.05
CA ASN B 172 -14.58 10.75 -15.50
C ASN B 172 -13.20 11.28 -15.89
N ASP B 173 -12.63 12.16 -15.08
CA ASP B 173 -11.35 12.81 -15.38
C ASP B 173 -10.18 12.20 -14.61
N PHE B 174 -10.35 11.03 -13.99
CA PHE B 174 -9.29 10.45 -13.17
C PHE B 174 -8.05 10.14 -13.99
N LEU B 175 -8.21 9.58 -15.18
CA LEU B 175 -7.06 9.25 -16.01
C LEU B 175 -6.41 10.51 -16.58
N LEU B 176 -7.24 11.45 -17.04
CA LEU B 176 -6.71 12.69 -17.59
C LEU B 176 -5.89 13.46 -16.56
N SER B 177 -6.30 13.40 -15.29
CA SER B 177 -5.53 14.10 -14.25
C SER B 177 -4.17 13.47 -14.08
N LYS B 178 -4.09 12.13 -14.15
CA LYS B 178 -2.81 11.45 -14.07
C LYS B 178 -1.86 11.91 -15.17
N ILE B 179 -2.39 12.13 -16.38
CA ILE B 179 -1.56 12.63 -17.48
C ILE B 179 -1.07 14.04 -17.15
N LYS B 180 -1.97 14.89 -16.64
CA LYS B 180 -1.61 16.27 -16.38
C LYS B 180 -0.58 16.40 -15.26
N THR B 181 -0.51 15.41 -14.37
CA THR B 181 0.38 15.48 -13.23
C THR B 181 1.57 14.53 -13.33
N CYS B 182 1.76 13.85 -14.46
CA CYS B 182 2.85 12.91 -14.55
C CYS B 182 4.17 13.64 -14.82
N ASP B 183 5.27 12.88 -14.74
CA ASP B 183 6.61 13.45 -14.87
C ASP B 183 6.98 13.51 -16.35
N SER B 184 6.98 14.72 -16.92
CA SER B 184 7.30 14.88 -18.33
C SER B 184 8.77 14.57 -18.63
N SER B 185 9.65 14.66 -17.63
CA SER B 185 11.08 14.43 -17.86
C SER B 185 11.40 12.96 -18.10
N LEU B 186 10.53 12.04 -17.70
CA LEU B 186 10.79 10.62 -17.89
C LEU B 186 10.74 10.26 -19.37
N LYS B 187 11.55 9.26 -19.74
CA LYS B 187 11.59 8.77 -21.12
C LYS B 187 10.48 7.73 -21.30
N TRP B 188 9.26 8.24 -21.43
CA TRP B 188 8.09 7.38 -21.58
C TRP B 188 8.19 6.55 -22.85
N ASN B 189 7.74 5.29 -22.76
CA ASN B 189 7.67 4.37 -23.90
C ASN B 189 6.24 3.82 -23.98
N ILE B 190 5.31 4.69 -24.35
CA ILE B 190 3.88 4.38 -24.32
C ILE B 190 3.43 4.01 -25.72
N HIS B 191 2.85 2.80 -25.88
CA HIS B 191 2.29 2.34 -27.13
C HIS B 191 0.80 2.07 -26.94
N ILE B 192 -0.02 2.65 -27.81
CA ILE B 192 -1.48 2.49 -27.73
C ILE B 192 -1.98 2.05 -29.11
N THR B 193 -2.47 0.82 -29.20
CA THR B 193 -3.14 0.33 -30.40
C THR B 193 -4.65 0.49 -30.26
N CYS B 194 -5.33 0.50 -31.40
CA CYS B 194 -6.79 0.60 -31.42
C CYS B 194 -7.31 0.04 -32.73
N GLY B 195 -8.41 -0.72 -32.63
CA GLY B 195 -9.04 -1.23 -33.84
C GLY B 195 -9.59 -0.12 -34.71
N LYS B 196 -9.38 -0.25 -36.02
CA LYS B 196 -9.83 0.76 -36.97
C LYS B 196 -11.35 0.85 -37.01
N ASP B 197 -12.06 -0.20 -36.61
CA ASP B 197 -13.50 -0.22 -36.52
C ASP B 197 -14.01 0.19 -35.14
N ASP B 198 -13.10 0.49 -34.22
CA ASP B 198 -13.46 0.88 -32.84
C ASP B 198 -13.60 2.40 -32.77
N SER B 199 -14.67 2.88 -33.41
CA SER B 199 -14.87 4.32 -33.56
C SER B 199 -14.97 5.03 -32.22
N TYR B 200 -15.64 4.40 -31.23
CA TYR B 200 -15.76 5.04 -29.93
C TYR B 200 -14.38 5.28 -29.31
N HIS B 201 -13.51 4.27 -29.36
CA HIS B 201 -12.23 4.38 -28.70
C HIS B 201 -11.16 5.07 -29.55
N LEU B 202 -11.38 5.18 -30.86
CA LEU B 202 -10.54 6.07 -31.66
C LEU B 202 -10.73 7.50 -31.22
N ASN B 203 -11.96 7.90 -30.90
CA ASN B 203 -12.19 9.23 -30.36
C ASN B 203 -11.62 9.37 -28.94
N GLU B 204 -11.69 8.30 -28.14
CA GLU B 204 -11.08 8.33 -26.82
C GLU B 204 -9.57 8.52 -26.91
N LEU B 205 -8.93 7.89 -27.90
CA LEU B 205 -7.51 8.05 -28.10
C LEU B 205 -7.16 9.47 -28.51
N GLU B 206 -8.02 10.11 -29.30
CA GLU B 206 -7.77 11.50 -29.67
C GLU B 206 -7.73 12.39 -28.44
N ILE B 207 -8.60 12.14 -27.46
CA ILE B 207 -8.60 12.89 -26.21
C ILE B 207 -7.30 12.65 -25.45
N LEU B 208 -6.90 11.38 -25.31
CA LEU B 208 -5.65 11.06 -24.64
C LEU B 208 -4.45 11.66 -25.35
N LYS B 209 -4.42 11.54 -26.68
CA LYS B 209 -3.32 12.13 -27.45
C LYS B 209 -3.16 13.60 -27.13
N ASN B 210 -4.26 14.35 -27.09
CA ASN B 210 -4.18 15.78 -26.84
C ASN B 210 -3.58 16.08 -25.46
N GLU B 211 -3.98 15.32 -24.43
CA GLU B 211 -3.43 15.55 -23.09
C GLU B 211 -1.93 15.31 -23.06
N PHE B 212 -1.46 14.23 -23.71
CA PHE B 212 -0.04 13.99 -23.81
C PHE B 212 0.66 15.09 -24.60
N ASN B 213 0.05 15.51 -25.72
CA ASN B 213 0.62 16.58 -26.53
C ASN B 213 0.85 17.83 -25.70
N ILE B 214 -0.17 18.21 -24.90
CA ILE B 214 -0.05 19.41 -24.09
C ILE B 214 1.09 19.27 -23.08
N LYS B 215 1.34 18.05 -22.61
CA LYS B 215 2.40 17.79 -21.65
C LYS B 215 3.74 17.53 -22.31
N ALA B 216 3.86 17.77 -23.63
CA ALA B 216 5.11 17.59 -24.36
C ALA B 216 5.67 16.17 -24.21
N ILE B 217 4.76 15.19 -24.18
CA ILE B 217 5.12 13.78 -24.16
C ILE B 217 4.63 13.16 -25.47
N THR B 218 5.53 12.47 -26.17
CA THR B 218 5.20 11.82 -27.44
C THR B 218 5.00 10.32 -27.19
N ILE B 219 3.91 9.78 -27.73
CA ILE B 219 3.57 8.37 -27.61
C ILE B 219 3.45 7.78 -29.01
N LYS B 220 3.56 6.45 -29.09
CA LYS B 220 3.40 5.73 -30.34
C LYS B 220 1.98 5.14 -30.40
N THR B 221 1.29 5.39 -31.50
CA THR B 221 -0.04 4.82 -31.75
C THR B 221 0.01 3.98 -33.01
N LYS B 222 -0.81 2.93 -33.04
CA LYS B 222 -0.91 2.08 -34.22
C LYS B 222 -2.35 1.63 -34.41
N LEU B 223 -2.83 1.71 -35.65
CA LEU B 223 -4.15 1.21 -36.00
C LEU B 223 -4.06 -0.26 -36.37
N ILE B 224 -4.93 -1.07 -35.79
CA ILE B 224 -4.99 -2.50 -36.08
C ILE B 224 -6.39 -2.85 -36.56
N SER B 225 -6.53 -4.07 -37.09
CA SER B 225 -7.80 -4.53 -37.61
C SER B 225 -8.77 -4.83 -36.47
N GLY B 226 -10.06 -4.75 -36.77
CA GLY B 226 -11.09 -5.10 -35.80
C GLY B 226 -11.70 -3.88 -35.13
N GLY B 227 -12.67 -4.16 -34.26
CA GLY B 227 -13.30 -3.13 -33.46
C GLY B 227 -12.90 -3.27 -32.02
N HIS B 228 -13.86 -3.10 -31.11
CA HIS B 228 -13.59 -3.30 -29.68
C HIS B 228 -13.90 -4.76 -29.30
N ASP B 229 -13.16 -5.68 -29.94
CA ASP B 229 -13.54 -7.08 -29.96
C ASP B 229 -12.30 -7.96 -29.91
N ASN B 230 -12.51 -9.28 -30.01
CA ASN B 230 -11.42 -10.23 -29.94
C ASN B 230 -10.50 -10.18 -31.15
N GLU B 231 -10.95 -9.58 -32.26
CA GLU B 231 -10.08 -9.45 -33.41
C GLU B 231 -8.97 -8.44 -33.13
N ALA B 232 -9.32 -7.30 -32.54
CA ALA B 232 -8.32 -6.34 -32.13
C ALA B 232 -7.37 -6.94 -31.10
N ILE B 233 -7.94 -7.65 -30.12
CA ILE B 233 -7.10 -8.25 -29.03
C ILE B 233 -6.05 -9.16 -29.67
N ALA B 234 -6.44 -9.94 -30.67
CA ALA B 234 -5.49 -10.87 -31.34
C ALA B 234 -4.31 -10.09 -31.93
N HIS B 235 -4.60 -9.03 -32.70
CA HIS B 235 -3.52 -8.26 -33.36
C HIS B 235 -2.71 -7.48 -32.33
N TYR B 236 -3.34 -7.03 -31.25
CA TYR B 236 -2.61 -6.31 -30.17
C TYR B 236 -1.70 -7.31 -29.45
N ARG B 237 -2.18 -8.53 -29.22
CA ARG B 237 -1.33 -9.57 -28.59
C ARG B 237 -0.09 -9.75 -29.45
N GLU B 238 -0.28 -9.91 -30.76
CA GLU B 238 0.87 -10.05 -31.68
C GLU B 238 1.76 -8.81 -31.55
N TYR B 239 1.18 -7.61 -31.60
CA TYR B 239 1.97 -6.35 -31.52
C TYR B 239 2.85 -6.36 -30.27
N PHE B 240 2.27 -6.59 -29.09
CA PHE B 240 3.09 -6.51 -27.86
C PHE B 240 4.19 -7.58 -27.90
N LYS B 241 3.87 -8.76 -28.45
CA LYS B 241 4.87 -9.85 -28.54
C LYS B 241 6.07 -9.36 -29.36
N THR B 242 5.85 -8.68 -30.49
CA THR B 242 6.99 -8.26 -31.30
C THR B 242 7.78 -7.16 -30.62
N ILE B 243 7.10 -6.22 -29.95
CA ILE B 243 7.81 -5.18 -29.21
C ILE B 243 8.64 -5.79 -28.08
N ILE B 244 8.06 -6.76 -27.37
CA ILE B 244 8.77 -7.38 -26.25
C ILE B 244 9.93 -8.26 -26.74
N GLN B 245 9.70 -9.04 -27.80
CA GLN B 245 10.77 -9.87 -28.36
C GLN B 245 11.63 -9.11 -29.37
#